data_9F8A
#
_entry.id   9F8A
#
_cell.length_a   89.877
_cell.length_b   127.166
_cell.length_c   62.672
_cell.angle_alpha   90.00
_cell.angle_beta   90.00
_cell.angle_gamma   90.00
#
_symmetry.space_group_name_H-M   'C 2 2 21'
#
loop_
_entity.id
_entity.type
_entity.pdbx_description
1 polymer 'Monoglyceride lipase'
2 non-polymer 6-[4-(phenylmethyl)piperidin-1-yl]carbonyl-4~{H}-1,4-benzoxazin-3-one
3 non-polymer 'SODIUM ION'
4 water water
#
_entity_poly.entity_id   1
_entity_poly.type   'polypeptide(L)'
_entity_poly.pdbx_seq_one_letter_code
;MGSSHHHHHHSSGENLYFQGMPEESSPRRTPQSIPYQDLPHLVNADGQYLFCRYWAPTGTPKALIFVSHGAGEHSGRYEE
LARMLMGLDLLVFAHDHVGHGQSEGERMVVSDFHVFVRDVLQHVDSMQKDYPGLPVFLLGHSMGGAIAILTAAERPGHFA
GMVLISPLVLANPESATTFKVLAAKVLNSVLPNLSSGPIDSSVLSRNKTEVDIYNSDPLICRAGLKVCFGIQLLNAVSRV
ERALPKLTVPFLLLQGSADRLCDSKGAYLLMELAKSQDKTLKIYEGAYHVLHKELPEVTNSVFHEINMWVSQRTATAGTA
SPP
;
_entity_poly.pdbx_strand_id   A
#
# COMPACT_ATOMS: atom_id res chain seq x y z
N MET A 21 -5.30 -45.79 1.06
CA MET A 21 -5.66 -44.63 0.25
C MET A 21 -5.15 -43.33 0.91
N PRO A 22 -4.33 -42.49 0.20
CA PRO A 22 -3.87 -41.24 0.79
C PRO A 22 -5.01 -40.22 0.91
N GLU A 23 -4.89 -39.31 1.86
CA GLU A 23 -5.92 -38.31 2.10
C GLU A 23 -5.37 -36.93 1.91
N GLU A 24 -6.26 -36.02 1.50
CA GLU A 24 -5.89 -34.62 1.34
C GLU A 24 -5.74 -33.99 2.74
N SER A 25 -4.63 -33.24 2.95
CA SER A 25 -4.31 -32.56 4.20
C SER A 25 -5.40 -31.56 4.59
N SER A 26 -5.41 -31.17 5.89
CA SER A 26 -6.33 -30.20 6.50
C SER A 26 -6.37 -28.93 5.61
N PRO A 27 -7.58 -28.35 5.36
CA PRO A 27 -7.66 -27.15 4.50
C PRO A 27 -6.75 -26.03 4.97
N ARG A 28 -6.11 -25.35 4.03
CA ARG A 28 -5.23 -24.23 4.34
C ARG A 28 -6.06 -23.10 4.92
N ARG A 29 -5.62 -22.52 6.05
CA ARG A 29 -6.38 -21.46 6.73
C ARG A 29 -5.60 -20.17 6.85
N THR A 30 -6.33 -19.06 6.97
CA THR A 30 -5.73 -17.75 7.20
C THR A 30 -5.08 -17.77 8.59
N PRO A 31 -4.28 -16.74 8.96
CA PRO A 31 -3.74 -16.69 10.33
C PRO A 31 -4.86 -16.57 11.37
N GLN A 32 -6.10 -16.21 10.94
CA GLN A 32 -7.27 -16.08 11.82
C GLN A 32 -8.12 -17.36 11.79
N SER A 33 -7.53 -18.45 11.23
CA SER A 33 -8.06 -19.83 11.13
CA SER A 33 -8.09 -19.81 11.17
C SER A 33 -9.33 -19.94 10.23
N ILE A 34 -9.46 -19.08 9.22
CA ILE A 34 -10.58 -19.23 8.27
C ILE A 34 -10.04 -20.02 7.07
N PRO A 35 -10.71 -21.11 6.59
CA PRO A 35 -10.20 -21.81 5.38
C PRO A 35 -10.13 -20.88 4.17
N TYR A 36 -9.00 -20.91 3.43
CA TYR A 36 -8.89 -20.10 2.20
C TYR A 36 -9.95 -20.53 1.16
N GLN A 37 -10.42 -21.80 1.22
CA GLN A 37 -11.46 -22.27 0.30
C GLN A 37 -12.78 -21.47 0.47
N ASP A 38 -12.95 -20.80 1.63
CA ASP A 38 -14.14 -19.98 1.87
C ASP A 38 -13.95 -18.51 1.51
N LEU A 39 -12.76 -18.15 1.01
CA LEU A 39 -12.47 -16.74 0.75
C LEU A 39 -11.87 -16.51 -0.63
N PRO A 40 -12.07 -15.30 -1.23
CA PRO A 40 -11.35 -15.00 -2.49
C PRO A 40 -9.86 -15.00 -2.15
N HIS A 41 -9.06 -15.65 -3.00
CA HIS A 41 -7.62 -15.74 -2.72
C HIS A 41 -6.82 -15.90 -3.98
N LEU A 42 -5.50 -15.85 -3.82
CA LEU A 42 -4.53 -16.04 -4.90
C LEU A 42 -3.30 -16.70 -4.27
N VAL A 43 -2.65 -17.64 -4.97
CA VAL A 43 -1.43 -18.24 -4.42
C VAL A 43 -0.26 -17.53 -5.10
N ASN A 44 0.67 -16.97 -4.33
CA ASN A 44 1.79 -16.23 -4.92
C ASN A 44 2.91 -17.17 -5.41
N ALA A 45 3.98 -16.59 -5.97
CA ALA A 45 5.10 -17.40 -6.54
C ALA A 45 5.86 -18.22 -5.50
N ASP A 46 5.73 -17.85 -4.21
CA ASP A 46 6.35 -18.55 -3.07
C ASP A 46 5.40 -19.58 -2.45
N GLY A 47 4.24 -19.78 -3.08
CA GLY A 47 3.24 -20.74 -2.60
C GLY A 47 2.46 -20.27 -1.38
N GLN A 48 2.43 -18.95 -1.17
CA GLN A 48 1.72 -18.35 -0.04
C GLN A 48 0.38 -17.88 -0.51
N TYR A 49 -0.66 -18.12 0.31
CA TYR A 49 -2.00 -17.64 -0.02
C TYR A 49 -2.15 -16.19 0.35
N LEU A 50 -2.66 -15.39 -0.60
CA LEU A 50 -2.97 -13.99 -0.36
C LEU A 50 -4.50 -13.85 -0.34
N PHE A 51 -5.03 -13.20 0.68
CA PHE A 51 -6.46 -12.95 0.78
C PHE A 51 -6.77 -11.79 -0.19
N CYS A 52 -7.84 -11.95 -1.02
CA CYS A 52 -8.26 -10.97 -2.02
C CYS A 52 -9.61 -10.34 -1.74
N ARG A 53 -9.81 -9.13 -2.29
CA ARG A 53 -11.06 -8.38 -2.22
C ARG A 53 -11.39 -7.85 -3.61
N TYR A 54 -12.68 -7.87 -3.97
CA TYR A 54 -13.17 -7.37 -5.24
C TYR A 54 -14.40 -6.52 -5.05
N TRP A 55 -14.48 -5.41 -5.77
CA TRP A 55 -15.66 -4.56 -5.79
C TRP A 55 -15.94 -4.23 -7.25
N ALA A 56 -16.89 -4.98 -7.85
CA ALA A 56 -17.22 -4.85 -9.27
C ALA A 56 -18.54 -4.14 -9.52
N PRO A 57 -18.63 -3.26 -10.56
CA PRO A 57 -19.91 -2.60 -10.85
C PRO A 57 -20.89 -3.58 -11.53
N THR A 58 -22.18 -3.24 -11.58
CA THR A 58 -23.23 -4.08 -12.20
C THR A 58 -23.05 -4.22 -13.71
N GLY A 59 -22.51 -3.20 -14.36
CA GLY A 59 -22.27 -3.22 -15.81
C GLY A 59 -20.82 -3.54 -16.16
N THR A 60 -20.48 -3.36 -17.45
CA THR A 60 -19.12 -3.57 -17.96
C THR A 60 -18.19 -2.49 -17.36
N PRO A 61 -17.05 -2.87 -16.76
CA PRO A 61 -16.17 -1.84 -16.16
C PRO A 61 -15.48 -0.95 -17.19
N LYS A 62 -15.23 0.31 -16.82
CA LYS A 62 -14.51 1.26 -17.67
C LYS A 62 -13.00 1.03 -17.54
N ALA A 63 -12.56 0.50 -16.37
CA ALA A 63 -11.15 0.26 -16.06
C ALA A 63 -11.05 -0.60 -14.84
N LEU A 64 -9.83 -1.04 -14.55
CA LEU A 64 -9.51 -1.82 -13.35
C LEU A 64 -8.65 -0.93 -12.46
N ILE A 65 -8.73 -1.13 -11.14
CA ILE A 65 -7.88 -0.38 -10.23
C ILE A 65 -7.49 -1.26 -9.07
N PHE A 66 -6.17 -1.42 -8.87
CA PHE A 66 -5.65 -2.17 -7.73
C PHE A 66 -5.41 -1.22 -6.56
N VAL A 67 -5.83 -1.61 -5.36
CA VAL A 67 -5.63 -0.83 -4.15
C VAL A 67 -4.54 -1.55 -3.32
N SER A 68 -3.49 -0.78 -2.98
CA SER A 68 -2.30 -1.24 -2.29
C SER A 68 -2.20 -0.60 -0.90
N HIS A 69 -2.43 -1.42 0.15
CA HIS A 69 -2.47 -0.94 1.53
C HIS A 69 -1.06 -0.70 2.11
N GLY A 70 -1.04 -0.06 3.27
CA GLY A 70 0.18 0.27 3.96
C GLY A 70 0.71 -0.75 4.95
N ALA A 71 1.84 -0.43 5.57
CA ALA A 71 2.53 -1.33 6.50
C ALA A 71 1.69 -1.58 7.72
N GLY A 72 1.60 -2.83 8.11
CA GLY A 72 0.83 -3.24 9.28
C GLY A 72 -0.68 -3.30 9.14
N GLU A 73 -1.24 -2.75 8.07
CA GLU A 73 -2.69 -2.73 7.96
C GLU A 73 -3.13 -3.78 6.96
N HIS A 74 -4.26 -3.56 6.32
CA HIS A 74 -4.81 -4.56 5.41
C HIS A 74 -5.83 -3.92 4.48
N SER A 75 -6.30 -4.69 3.50
CA SER A 75 -7.21 -4.20 2.45
C SER A 75 -8.61 -3.81 2.91
N GLY A 76 -9.06 -4.37 4.04
CA GLY A 76 -10.38 -4.05 4.60
C GLY A 76 -10.57 -2.60 4.97
N ARG A 77 -9.46 -1.89 5.16
CA ARG A 77 -9.46 -0.46 5.51
C ARG A 77 -9.76 0.45 4.31
N TYR A 78 -9.95 -0.15 3.12
CA TYR A 78 -10.20 0.62 1.89
C TYR A 78 -11.60 0.45 1.38
N GLU A 79 -12.48 -0.10 2.23
CA GLU A 79 -13.88 -0.34 1.87
C GLU A 79 -14.55 0.88 1.27
N GLU A 80 -14.52 2.03 1.99
CA GLU A 80 -15.21 3.24 1.51
C GLU A 80 -14.61 3.79 0.22
N LEU A 81 -13.27 3.88 0.11
CA LEU A 81 -12.63 4.34 -1.12
C LEU A 81 -12.98 3.41 -2.30
N ALA A 82 -12.96 2.08 -2.06
CA ALA A 82 -13.26 1.11 -3.12
C ALA A 82 -14.70 1.23 -3.58
N ARG A 83 -15.64 1.44 -2.65
CA ARG A 83 -17.05 1.59 -3.04
C ARG A 83 -17.25 2.89 -3.83
N MET A 84 -16.47 3.93 -3.53
CA MET A 84 -16.57 5.19 -4.30
C MET A 84 -16.08 4.91 -5.74
N LEU A 85 -14.93 4.20 -5.87
CA LEU A 85 -14.33 3.87 -7.17
C LEU A 85 -15.24 2.96 -8.01
N MET A 86 -15.86 1.97 -7.33
CA MET A 86 -16.79 1.05 -7.97
CA MET A 86 -16.81 1.05 -7.96
C MET A 86 -18.01 1.85 -8.49
N GLY A 87 -18.37 2.93 -7.77
CA GLY A 87 -19.48 3.81 -8.17
C GLY A 87 -19.17 4.59 -9.45
N LEU A 88 -17.88 4.64 -9.83
CA LEU A 88 -17.40 5.29 -11.05
C LEU A 88 -17.32 4.27 -12.19
N ASP A 89 -17.86 3.05 -11.96
CA ASP A 89 -17.87 1.91 -12.90
C ASP A 89 -16.47 1.31 -13.12
N LEU A 90 -15.61 1.42 -12.10
CA LEU A 90 -14.31 0.76 -12.15
C LEU A 90 -14.41 -0.55 -11.36
N LEU A 91 -13.65 -1.56 -11.76
CA LEU A 91 -13.61 -2.81 -11.03
C LEU A 91 -12.41 -2.66 -10.10
N VAL A 92 -12.69 -2.61 -8.81
CA VAL A 92 -11.64 -2.42 -7.82
C VAL A 92 -11.25 -3.80 -7.27
N PHE A 93 -9.94 -4.00 -7.07
CA PHE A 93 -9.42 -5.26 -6.55
C PHE A 93 -8.22 -4.99 -5.64
N ALA A 94 -7.99 -5.88 -4.69
CA ALA A 94 -6.92 -5.70 -3.73
C ALA A 94 -6.55 -7.06 -3.19
N HIS A 95 -5.46 -7.09 -2.46
CA HIS A 95 -5.12 -8.25 -1.66
C HIS A 95 -4.37 -7.75 -0.45
N ASP A 96 -4.34 -8.57 0.62
CA ASP A 96 -3.50 -8.26 1.76
C ASP A 96 -2.07 -8.67 1.40
N HIS A 97 -1.10 -7.75 1.54
CA HIS A 97 0.28 -8.07 1.20
C HIS A 97 0.75 -9.23 2.11
N VAL A 98 1.75 -10.00 1.64
CA VAL A 98 2.30 -11.08 2.46
CA VAL A 98 2.37 -11.07 2.44
C VAL A 98 2.65 -10.54 3.87
N GLY A 99 2.40 -11.37 4.90
CA GLY A 99 2.66 -10.99 6.28
C GLY A 99 1.65 -10.01 6.87
N HIS A 100 0.57 -9.72 6.13
CA HIS A 100 -0.44 -8.76 6.58
C HIS A 100 -1.85 -9.33 6.56
N GLY A 101 -2.71 -8.75 7.38
CA GLY A 101 -4.13 -9.05 7.41
C GLY A 101 -4.44 -10.53 7.36
N GLN A 102 -5.23 -10.94 6.35
CA GLN A 102 -5.72 -12.31 6.21
C GLN A 102 -4.86 -13.17 5.29
N SER A 103 -3.74 -12.62 4.80
CA SER A 103 -2.81 -13.35 3.96
C SER A 103 -1.82 -14.13 4.81
N GLU A 104 -1.16 -15.12 4.21
CA GLU A 104 -0.14 -15.89 4.92
C GLU A 104 1.16 -15.10 5.10
N GLY A 105 2.06 -15.68 5.89
CA GLY A 105 3.39 -15.15 6.15
C GLY A 105 3.55 -14.69 7.58
N GLU A 106 4.78 -14.81 8.13
CA GLU A 106 5.08 -14.31 9.46
C GLU A 106 4.72 -12.80 9.45
N ARG A 107 4.04 -12.31 10.49
CA ARG A 107 3.60 -10.92 10.52
C ARG A 107 4.72 -9.92 10.31
N MET A 108 4.56 -9.04 9.30
CA MET A 108 5.50 -7.95 9.06
C MET A 108 6.91 -8.38 8.79
N VAL A 109 7.07 -9.41 7.99
N VAL A 109 7.06 -9.44 7.99
CA VAL A 109 8.35 -9.88 7.52
CA VAL A 109 8.32 -10.02 7.54
C VAL A 109 8.19 -10.08 6.02
C VAL A 109 8.19 -10.15 6.02
N VAL A 110 9.26 -9.86 5.28
CA VAL A 110 9.29 -10.04 3.84
C VAL A 110 10.73 -10.36 3.48
N SER A 111 10.94 -11.38 2.63
CA SER A 111 12.32 -11.81 2.27
C SER A 111 13.03 -10.67 1.57
N ASP A 112 12.32 -9.98 0.69
CA ASP A 112 12.80 -8.78 0.00
C ASP A 112 11.58 -7.97 -0.36
N PHE A 113 11.71 -6.63 -0.28
CA PHE A 113 10.61 -5.71 -0.59
C PHE A 113 9.95 -6.04 -1.96
N HIS A 114 10.74 -6.53 -2.95
CA HIS A 114 10.21 -6.83 -4.29
C HIS A 114 9.10 -7.90 -4.30
N VAL A 115 9.02 -8.76 -3.26
CA VAL A 115 7.92 -9.74 -3.13
C VAL A 115 6.56 -9.01 -3.25
N PHE A 116 6.41 -7.87 -2.58
CA PHE A 116 5.16 -7.10 -2.63
C PHE A 116 4.86 -6.66 -4.05
N VAL A 117 5.89 -6.17 -4.79
CA VAL A 117 5.73 -5.68 -6.17
C VAL A 117 5.38 -6.87 -7.11
N ARG A 118 6.13 -7.98 -6.97
CA ARG A 118 5.89 -9.19 -7.74
C ARG A 118 4.43 -9.64 -7.54
N ASP A 119 3.93 -9.61 -6.29
CA ASP A 119 2.59 -10.11 -6.05
C ASP A 119 1.50 -9.20 -6.60
N VAL A 120 1.73 -7.87 -6.52
CA VAL A 120 0.77 -6.93 -7.12
C VAL A 120 0.71 -7.26 -8.64
N LEU A 121 1.89 -7.43 -9.27
CA LEU A 121 1.95 -7.73 -10.70
C LEU A 121 1.28 -9.04 -11.06
N GLN A 122 1.42 -10.09 -10.21
CA GLN A 122 0.71 -11.33 -10.51
C GLN A 122 -0.81 -11.07 -10.49
N HIS A 123 -1.32 -10.35 -9.46
CA HIS A 123 -2.76 -10.11 -9.36
C HIS A 123 -3.27 -9.26 -10.53
N VAL A 124 -2.51 -8.20 -10.91
CA VAL A 124 -2.88 -7.32 -12.04
C VAL A 124 -2.92 -8.21 -13.31
N ASP A 125 -1.90 -9.05 -13.51
CA ASP A 125 -1.84 -9.92 -14.70
C ASP A 125 -3.02 -10.88 -14.75
N SER A 126 -3.40 -11.46 -13.58
CA SER A 126 -4.53 -12.39 -13.49
CA SER A 126 -4.52 -12.39 -13.51
C SER A 126 -5.84 -11.70 -13.84
N MET A 127 -6.04 -10.46 -13.35
CA MET A 127 -7.26 -9.69 -13.60
C MET A 127 -7.36 -9.26 -15.05
N GLN A 128 -6.23 -8.93 -15.65
CA GLN A 128 -6.19 -8.48 -17.05
C GLN A 128 -6.51 -9.62 -18.00
N LYS A 129 -6.34 -10.87 -17.54
CA LYS A 129 -6.69 -12.06 -18.34
C LYS A 129 -8.22 -12.16 -18.37
N ASP A 130 -8.88 -11.93 -17.22
CA ASP A 130 -10.33 -12.00 -17.09
C ASP A 130 -11.04 -10.79 -17.72
N TYR A 131 -10.36 -9.63 -17.78
CA TYR A 131 -10.90 -8.39 -18.35
C TYR A 131 -9.86 -7.80 -19.30
N PRO A 132 -9.67 -8.38 -20.51
CA PRO A 132 -8.66 -7.86 -21.43
C PRO A 132 -9.05 -6.52 -22.04
N GLY A 133 -8.05 -5.78 -22.50
CA GLY A 133 -8.23 -4.48 -23.13
C GLY A 133 -8.62 -3.33 -22.21
N LEU A 134 -8.77 -3.60 -20.90
CA LEU A 134 -9.14 -2.55 -19.96
C LEU A 134 -7.94 -1.81 -19.41
N PRO A 135 -8.03 -0.46 -19.29
CA PRO A 135 -6.93 0.30 -18.64
C PRO A 135 -6.85 -0.11 -17.17
N VAL A 136 -5.62 -0.11 -16.61
CA VAL A 136 -5.41 -0.47 -15.21
CA VAL A 136 -5.40 -0.47 -15.19
C VAL A 136 -4.73 0.66 -14.44
N PHE A 137 -5.31 1.04 -13.29
CA PHE A 137 -4.79 2.08 -12.41
C PHE A 137 -4.29 1.42 -11.13
N LEU A 138 -3.49 2.14 -10.38
CA LEU A 138 -3.01 1.75 -9.07
C LEU A 138 -3.39 2.81 -8.08
N LEU A 139 -3.77 2.42 -6.88
CA LEU A 139 -4.00 3.35 -5.80
C LEU A 139 -3.18 2.81 -4.64
N GLY A 140 -2.28 3.61 -4.09
CA GLY A 140 -1.46 3.16 -2.97
C GLY A 140 -1.30 4.19 -1.87
N HIS A 141 -1.40 3.76 -0.61
CA HIS A 141 -1.15 4.62 0.54
C HIS A 141 0.13 4.18 1.24
N SER A 142 1.03 5.17 1.56
CA SER A 142 2.20 4.94 2.41
C SER A 142 3.14 3.82 1.88
N MET A 143 3.45 2.75 2.65
CA MET A 143 4.22 1.64 2.05
C MET A 143 3.59 1.18 0.73
N GLY A 144 2.26 1.10 0.73
CA GLY A 144 1.49 0.70 -0.44
C GLY A 144 1.67 1.63 -1.63
N GLY A 145 1.97 2.91 -1.37
CA GLY A 145 2.31 3.92 -2.38
C GLY A 145 3.69 3.64 -2.96
N ALA A 146 4.66 3.24 -2.10
CA ALA A 146 6.02 2.85 -2.55
C ALA A 146 5.91 1.62 -3.44
N ILE A 147 5.03 0.67 -3.06
CA ILE A 147 4.81 -0.52 -3.88
C ILE A 147 4.23 -0.12 -5.23
N ALA A 148 3.25 0.80 -5.22
CA ALA A 148 2.62 1.26 -6.47
C ALA A 148 3.64 1.93 -7.38
N ILE A 149 4.51 2.78 -6.83
CA ILE A 149 5.56 3.44 -7.62
C ILE A 149 6.49 2.39 -8.25
N LEU A 150 6.98 1.44 -7.42
CA LEU A 150 7.89 0.43 -7.94
C LEU A 150 7.21 -0.49 -8.97
N THR A 151 5.90 -0.74 -8.84
CA THR A 151 5.11 -1.57 -9.77
C THR A 151 5.04 -0.86 -11.15
N ALA A 152 4.65 0.43 -11.13
CA ALA A 152 4.56 1.23 -12.37
C ALA A 152 5.95 1.36 -13.02
N ALA A 153 7.02 1.52 -12.21
CA ALA A 153 8.39 1.69 -12.75
C ALA A 153 8.92 0.41 -13.38
N GLU A 154 8.45 -0.73 -12.88
CA GLU A 154 8.84 -2.04 -13.44
C GLU A 154 8.20 -2.22 -14.84
N ARG A 155 7.02 -1.62 -15.07
CA ARG A 155 6.29 -1.77 -16.33
C ARG A 155 5.98 -0.39 -16.92
N PRO A 156 6.98 0.39 -17.39
CA PRO A 156 6.66 1.71 -17.95
C PRO A 156 5.68 1.62 -19.12
N GLY A 157 4.68 2.47 -19.08
CA GLY A 157 3.62 2.57 -20.08
C GLY A 157 2.47 1.58 -19.96
N HIS A 158 2.52 0.67 -18.99
CA HIS A 158 1.47 -0.34 -18.80
C HIS A 158 0.27 0.20 -18.02
N PHE A 159 0.53 1.03 -16.97
CA PHE A 159 -0.56 1.51 -16.13
C PHE A 159 -1.10 2.84 -16.67
N ALA A 160 -2.43 3.01 -16.57
CA ALA A 160 -3.11 4.22 -17.03
C ALA A 160 -2.90 5.41 -16.08
N GLY A 161 -2.71 5.13 -14.80
CA GLY A 161 -2.53 6.17 -13.80
C GLY A 161 -2.32 5.56 -12.43
N MET A 162 -1.87 6.42 -11.52
CA MET A 162 -1.57 6.05 -10.15
CA MET A 162 -1.63 6.04 -10.11
C MET A 162 -2.14 7.12 -9.22
N VAL A 163 -2.76 6.71 -8.11
CA VAL A 163 -3.27 7.62 -7.11
C VAL A 163 -2.42 7.30 -5.87
N LEU A 164 -1.70 8.30 -5.34
CA LEU A 164 -0.82 8.06 -4.21
C LEU A 164 -1.27 8.90 -3.05
N ILE A 165 -1.49 8.23 -1.92
CA ILE A 165 -1.90 8.94 -0.70
C ILE A 165 -0.75 8.80 0.27
N SER A 166 -0.05 9.95 0.55
CA SER A 166 1.10 10.01 1.46
CA SER A 166 1.10 9.98 1.48
C SER A 166 2.03 8.80 1.22
N PRO A 167 2.50 8.63 -0.04
CA PRO A 167 3.38 7.49 -0.32
C PRO A 167 4.70 7.56 0.42
N LEU A 168 5.25 6.39 0.69
CA LEU A 168 6.55 6.31 1.32
C LEU A 168 7.64 6.61 0.26
N VAL A 169 8.10 7.88 0.26
CA VAL A 169 9.15 8.36 -0.65
C VAL A 169 10.34 8.71 0.22
N LEU A 170 10.12 9.56 1.24
CA LEU A 170 11.15 9.90 2.21
C LEU A 170 10.53 9.67 3.57
N ALA A 171 11.21 8.94 4.44
CA ALA A 171 10.72 8.72 5.80
C ALA A 171 10.98 10.00 6.62
N ASN A 172 10.33 10.14 7.80
CA ASN A 172 10.58 11.27 8.69
C ASN A 172 12.12 11.28 8.95
N PRO A 173 12.81 12.43 8.73
CA PRO A 173 14.28 12.44 8.87
C PRO A 173 14.82 11.98 10.21
N GLU A 174 14.27 12.54 11.31
CA GLU A 174 14.67 12.20 12.68
C GLU A 174 14.46 10.70 12.96
N SER A 175 13.28 10.17 12.52
CA SER A 175 12.92 8.76 12.69
CA SER A 175 12.91 8.76 12.69
C SER A 175 13.84 7.84 11.89
N ALA A 176 14.14 8.22 10.61
CA ALA A 176 15.02 7.45 9.71
C ALA A 176 16.46 7.39 10.23
N THR A 177 16.98 8.49 10.81
CA THR A 177 18.34 8.59 11.35
C THR A 177 18.52 7.63 12.53
N THR A 178 17.51 7.56 13.42
CA THR A 178 17.50 6.66 14.59
C THR A 178 17.42 5.20 14.13
N PHE A 179 16.58 4.94 13.10
CA PHE A 179 16.43 3.58 12.57
C PHE A 179 17.66 3.07 11.81
N LYS A 180 18.31 3.92 10.96
CA LYS A 180 19.49 3.55 10.17
C LYS A 180 20.66 3.05 11.04
N VAL A 181 20.78 3.61 12.26
CA VAL A 181 21.77 3.25 13.27
C VAL A 181 21.42 1.84 13.79
N LEU A 182 20.12 1.61 14.09
CA LEU A 182 19.59 0.35 14.58
C LEU A 182 19.73 -0.77 13.51
N ALA A 183 19.55 -0.40 12.22
CA ALA A 183 19.66 -1.30 11.08
C ALA A 183 21.09 -1.80 10.87
N ALA A 184 22.08 -0.87 10.82
CA ALA A 184 23.51 -1.19 10.65
C ALA A 184 24.01 -2.14 11.75
N LYS A 185 23.42 -2.05 12.96
CA LYS A 185 23.77 -2.91 14.09
C LYS A 185 23.24 -4.34 13.92
N VAL A 186 22.02 -4.49 13.36
CA VAL A 186 21.42 -5.81 13.08
C VAL A 186 22.13 -6.45 11.88
N LEU A 187 22.52 -5.63 10.89
CA LEU A 187 23.23 -6.08 9.69
C LEU A 187 24.63 -6.60 10.01
N ASN A 188 25.23 -6.15 11.14
CA ASN A 188 26.57 -6.55 11.59
C ASN A 188 26.58 -7.77 12.52
N SER A 189 25.46 -8.05 13.20
CA SER A 189 25.39 -9.17 14.15
CA SER A 189 25.38 -9.17 14.15
C SER A 189 24.16 -10.06 13.91
N VAL A 190 23.91 -11.05 14.79
CA VAL A 190 22.74 -11.94 14.64
C VAL A 190 21.77 -11.58 15.76
N LEU A 191 20.76 -10.77 15.45
CA LEU A 191 19.75 -10.33 16.41
C LEU A 191 18.37 -10.46 15.76
N PRO A 192 17.84 -11.72 15.68
CA PRO A 192 16.56 -11.92 14.97
C PRO A 192 15.32 -11.30 15.60
N ASN A 193 15.36 -10.98 16.90
CA ASN A 193 14.21 -10.44 17.62
C ASN A 193 14.19 -8.92 17.71
N LEU A 194 15.30 -8.24 17.37
CA LEU A 194 15.41 -6.80 17.49
C LEU A 194 14.34 -6.06 16.71
N SER A 195 13.65 -5.17 17.42
CA SER A 195 12.56 -4.36 16.90
C SER A 195 12.65 -2.94 17.42
N SER A 196 12.15 -1.99 16.63
CA SER A 196 12.05 -0.61 17.07
C SER A 196 10.70 -0.56 17.82
N GLY A 197 10.35 0.61 18.34
CA GLY A 197 9.09 0.76 19.05
C GLY A 197 7.90 0.77 18.10
N PRO A 198 6.66 0.63 18.60
N PRO A 198 6.66 0.63 18.60
CA PRO A 198 5.51 0.69 17.69
CA PRO A 198 5.51 0.69 17.69
C PRO A 198 5.22 2.11 17.22
C PRO A 198 5.22 2.11 17.22
N ILE A 199 4.46 2.26 16.13
CA ILE A 199 4.06 3.57 15.59
C ILE A 199 3.16 4.27 16.64
N ASP A 200 3.40 5.57 16.88
CA ASP A 200 2.58 6.36 17.78
C ASP A 200 1.29 6.57 16.98
N SER A 201 0.20 5.84 17.36
CA SER A 201 -1.07 5.92 16.62
CA SER A 201 -1.09 5.91 16.65
C SER A 201 -1.65 7.34 16.53
N SER A 202 -1.33 8.22 17.50
CA SER A 202 -1.83 9.61 17.51
C SER A 202 -1.34 10.42 16.31
N VAL A 203 -0.21 10.03 15.68
CA VAL A 203 0.32 10.75 14.50
C VAL A 203 -0.37 10.29 13.22
N LEU A 204 -1.24 9.27 13.30
CA LEU A 204 -1.88 8.80 12.09
C LEU A 204 -2.88 9.76 11.49
N SER A 205 -3.67 10.41 12.35
CA SER A 205 -4.76 11.23 11.90
C SER A 205 -5.20 12.13 13.00
N ARG A 206 -5.64 13.33 12.65
CA ARG A 206 -6.20 14.25 13.67
C ARG A 206 -7.59 13.76 14.10
N ASN A 207 -8.21 12.90 13.30
CA ASN A 207 -9.53 12.33 13.58
C ASN A 207 -9.35 11.23 14.66
N LYS A 208 -9.67 11.59 15.91
CA LYS A 208 -9.49 10.68 17.02
C LYS A 208 -10.29 9.39 16.90
N THR A 209 -11.47 9.45 16.25
CA THR A 209 -12.31 8.26 16.05
C THR A 209 -11.51 7.26 15.19
N GLU A 210 -10.85 7.76 14.11
CA GLU A 210 -10.06 6.90 13.24
C GLU A 210 -8.85 6.32 13.95
N VAL A 211 -8.20 7.08 14.86
CA VAL A 211 -7.08 6.59 15.68
C VAL A 211 -7.59 5.39 16.54
N ASP A 212 -8.76 5.60 17.18
CA ASP A 212 -9.39 4.58 18.03
C ASP A 212 -9.79 3.32 17.23
N ILE A 213 -10.30 3.50 16.02
CA ILE A 213 -10.68 2.39 15.14
C ILE A 213 -9.42 1.58 14.78
N TYR A 214 -8.33 2.30 14.45
CA TYR A 214 -7.06 1.66 14.10
C TYR A 214 -6.60 0.82 15.30
N ASN A 215 -6.68 1.38 16.53
CA ASN A 215 -6.26 0.66 17.74
C ASN A 215 -7.19 -0.51 18.14
N SER A 216 -8.38 -0.61 17.51
CA SER A 216 -9.38 -1.63 17.82
C SER A 216 -9.42 -2.75 16.80
N ASP A 217 -8.75 -2.56 15.65
CA ASP A 217 -8.82 -3.52 14.58
C ASP A 217 -7.87 -4.72 14.85
N PRO A 218 -8.40 -5.94 15.03
CA PRO A 218 -7.50 -7.08 15.29
C PRO A 218 -6.65 -7.50 14.11
N LEU A 219 -6.99 -7.05 12.88
CA LEU A 219 -6.21 -7.43 11.70
C LEU A 219 -4.99 -6.54 11.51
N ILE A 220 -4.86 -5.50 12.33
CA ILE A 220 -3.74 -4.58 12.23
C ILE A 220 -2.63 -5.05 13.15
N CYS A 221 -1.39 -5.02 12.64
CA CYS A 221 -0.24 -5.36 13.45
C CYS A 221 0.26 -4.09 14.14
N ARG A 222 0.03 -4.00 15.45
CA ARG A 222 0.47 -2.83 16.21
C ARG A 222 1.73 -3.12 17.04
N ALA A 223 2.42 -4.24 16.72
CA ALA A 223 3.68 -4.60 17.37
C ALA A 223 4.78 -3.67 16.84
N GLY A 224 5.93 -3.66 17.52
CA GLY A 224 7.06 -2.86 17.08
C GLY A 224 7.57 -3.32 15.73
N LEU A 225 8.13 -2.40 14.96
CA LEU A 225 8.66 -2.72 13.64
C LEU A 225 9.93 -3.55 13.81
N LYS A 226 9.94 -4.80 13.28
CA LYS A 226 11.12 -5.67 13.34
C LYS A 226 12.20 -5.02 12.46
N VAL A 227 13.47 -5.01 12.95
CA VAL A 227 14.56 -4.37 12.21
C VAL A 227 14.71 -4.92 10.76
N CYS A 228 14.50 -6.25 10.56
CA CYS A 228 14.58 -6.85 9.22
CA CYS A 228 14.57 -6.85 9.21
C CYS A 228 13.55 -6.22 8.25
N PHE A 229 12.34 -5.94 8.74
CA PHE A 229 11.30 -5.33 7.92
C PHE A 229 11.60 -3.85 7.66
N GLY A 230 12.13 -3.17 8.68
CA GLY A 230 12.56 -1.78 8.57
C GLY A 230 13.63 -1.61 7.50
N ILE A 231 14.57 -2.60 7.41
CA ILE A 231 15.64 -2.65 6.40
C ILE A 231 14.99 -2.74 5.00
N GLN A 232 13.93 -3.57 4.86
CA GLN A 232 13.19 -3.67 3.60
C GLN A 232 12.47 -2.37 3.28
N LEU A 233 12.05 -1.60 4.31
CA LEU A 233 11.39 -0.31 4.06
C LEU A 233 12.46 0.70 3.63
N LEU A 234 13.68 0.57 4.20
CA LEU A 234 14.83 1.39 3.83
C LEU A 234 15.19 1.08 2.37
N ASN A 235 15.11 -0.22 1.97
CA ASN A 235 15.32 -0.68 0.59
C ASN A 235 14.25 -0.06 -0.31
N ALA A 236 12.98 -0.04 0.14
CA ALA A 236 11.89 0.56 -0.64
C ALA A 236 12.19 2.03 -0.96
N VAL A 237 12.61 2.82 0.07
CA VAL A 237 12.97 4.24 -0.05
C VAL A 237 14.10 4.40 -1.10
N SER A 238 15.18 3.59 -0.95
CA SER A 238 16.33 3.62 -1.88
CA SER A 238 16.33 3.62 -1.88
C SER A 238 15.89 3.32 -3.32
N ARG A 239 15.05 2.27 -3.49
CA ARG A 239 14.55 1.85 -4.79
C ARG A 239 13.60 2.86 -5.40
N VAL A 240 12.74 3.49 -4.57
CA VAL A 240 11.82 4.52 -5.04
C VAL A 240 12.63 5.67 -5.63
N GLU A 241 13.67 6.13 -4.91
CA GLU A 241 14.57 7.22 -5.35
C GLU A 241 15.13 6.93 -6.75
N ARG A 242 15.65 5.70 -6.95
CA ARG A 242 16.21 5.28 -8.24
C ARG A 242 15.14 5.17 -9.32
N ALA A 243 13.91 4.80 -8.94
CA ALA A 243 12.78 4.60 -9.85
C ALA A 243 12.17 5.92 -10.37
N LEU A 244 12.19 6.98 -9.56
CA LEU A 244 11.56 8.28 -9.90
C LEU A 244 11.91 8.81 -11.30
N PRO A 245 13.19 8.90 -11.76
CA PRO A 245 13.43 9.40 -13.14
C PRO A 245 12.97 8.44 -14.25
N LYS A 246 12.50 7.25 -13.88
CA LYS A 246 11.98 6.26 -14.83
C LYS A 246 10.47 6.39 -14.91
N LEU A 247 9.85 6.99 -13.86
CA LEU A 247 8.40 7.12 -13.78
C LEU A 247 7.85 8.04 -14.87
N THR A 248 6.90 7.52 -15.66
CA THR A 248 6.22 8.30 -16.70
C THR A 248 4.71 8.22 -16.54
N VAL A 249 4.24 7.33 -15.65
CA VAL A 249 2.82 7.11 -15.43
C VAL A 249 2.12 8.39 -14.92
N PRO A 250 0.91 8.69 -15.42
CA PRO A 250 0.15 9.82 -14.84
C PRO A 250 -0.13 9.58 -13.34
N PHE A 251 -0.04 10.61 -12.51
CA PHE A 251 -0.36 10.38 -11.11
C PHE A 251 -0.92 11.57 -10.44
N LEU A 252 -1.75 11.29 -9.44
CA LEU A 252 -2.30 12.22 -8.46
C LEU A 252 -1.59 11.91 -7.14
N LEU A 253 -1.04 12.95 -6.50
CA LEU A 253 -0.30 12.81 -5.24
C LEU A 253 -0.95 13.67 -4.19
N LEU A 254 -1.38 13.04 -3.09
CA LEU A 254 -2.07 13.72 -1.97
C LEU A 254 -1.16 13.58 -0.76
N GLN A 255 -0.87 14.70 -0.07
CA GLN A 255 0.09 14.70 1.03
C GLN A 255 -0.30 15.72 2.09
N GLY A 256 -0.22 15.30 3.36
CA GLY A 256 -0.47 16.18 4.49
C GLY A 256 0.79 16.92 4.85
N SER A 257 0.67 18.20 5.20
CA SER A 257 1.85 18.99 5.55
C SER A 257 2.45 18.65 6.91
N ALA A 258 1.67 17.99 7.79
CA ALA A 258 2.12 17.67 9.16
C ALA A 258 2.26 16.17 9.34
N ASP A 259 2.65 15.48 8.26
CA ASP A 259 2.81 14.04 8.27
C ASP A 259 4.14 13.67 8.94
N ARG A 260 4.07 12.97 10.10
CA ARG A 260 5.25 12.55 10.86
C ARG A 260 5.79 11.18 10.44
N LEU A 261 5.16 10.55 9.45
CA LEU A 261 5.56 9.20 9.01
C LEU A 261 6.20 9.23 7.65
N CYS A 262 5.55 9.86 6.67
CA CYS A 262 6.11 10.00 5.33
C CYS A 262 6.28 11.47 5.14
N ASP A 263 7.54 11.90 5.19
CA ASP A 263 7.86 13.31 5.16
C ASP A 263 7.36 13.98 3.89
N SER A 264 6.68 15.13 4.05
CA SER A 264 6.13 15.89 2.93
C SER A 264 7.20 16.22 1.88
N LYS A 265 8.50 16.34 2.30
CA LYS A 265 9.63 16.59 1.39
C LYS A 265 9.67 15.48 0.29
N GLY A 266 9.25 14.27 0.64
CA GLY A 266 9.18 13.15 -0.29
C GLY A 266 8.20 13.41 -1.43
N ALA A 267 7.03 13.97 -1.10
CA ALA A 267 6.01 14.29 -2.10
C ALA A 267 6.54 15.40 -3.06
N TYR A 268 7.26 16.43 -2.54
CA TYR A 268 7.86 17.45 -3.42
C TYR A 268 8.97 16.82 -4.28
N LEU A 269 9.74 15.86 -3.72
CA LEU A 269 10.78 15.18 -4.49
C LEU A 269 10.18 14.37 -5.65
N LEU A 270 9.06 13.70 -5.39
CA LEU A 270 8.38 12.91 -6.40
C LEU A 270 7.86 13.81 -7.52
N MET A 271 7.25 14.96 -7.17
CA MET A 271 6.81 15.92 -8.21
C MET A 271 7.97 16.43 -9.04
N GLU A 272 9.13 16.66 -8.41
CA GLU A 272 10.28 17.20 -9.12
C GLU A 272 10.99 16.16 -9.98
N LEU A 273 11.20 14.94 -9.45
CA LEU A 273 12.04 13.97 -10.18
C LEU A 273 11.31 13.04 -11.13
N ALA A 274 10.00 12.78 -10.94
CA ALA A 274 9.29 11.92 -11.90
C ALA A 274 9.27 12.60 -13.27
N LYS A 275 9.32 11.78 -14.34
CA LYS A 275 9.29 12.31 -15.69
C LYS A 275 7.89 12.44 -16.25
N SER A 276 6.88 11.93 -15.52
CA SER A 276 5.46 11.93 -15.91
C SER A 276 5.00 13.28 -16.46
N GLN A 277 4.39 13.27 -17.65
CA GLN A 277 3.82 14.49 -18.26
C GLN A 277 2.55 14.95 -17.53
N ASP A 278 1.90 14.02 -16.80
CA ASP A 278 0.66 14.33 -16.09
C ASP A 278 0.85 14.05 -14.61
N LYS A 279 1.25 15.07 -13.84
CA LYS A 279 1.48 14.92 -12.40
C LYS A 279 0.86 16.07 -11.66
N THR A 280 0.16 15.74 -10.57
CA THR A 280 -0.56 16.72 -9.79
C THR A 280 -0.32 16.45 -8.31
N LEU A 281 -0.03 17.51 -7.54
CA LEU A 281 0.15 17.44 -6.10
C LEU A 281 -0.91 18.27 -5.40
N LYS A 282 -1.54 17.69 -4.37
CA LYS A 282 -2.43 18.45 -3.52
C LYS A 282 -1.90 18.30 -2.10
N ILE A 283 -1.64 19.44 -1.44
CA ILE A 283 -1.15 19.46 -0.06
C ILE A 283 -2.33 19.79 0.83
N TYR A 284 -2.49 19.02 1.93
CA TYR A 284 -3.52 19.27 2.94
C TYR A 284 -2.83 19.87 4.15
N GLU A 285 -3.02 21.18 4.34
CA GLU A 285 -2.35 21.96 5.35
C GLU A 285 -2.77 21.54 6.76
N GLY A 286 -1.79 21.08 7.52
CA GLY A 286 -1.95 20.64 8.90
C GLY A 286 -2.39 19.17 9.04
N ALA A 287 -2.69 18.51 7.92
CA ALA A 287 -3.17 17.11 7.97
C ALA A 287 -2.08 16.13 8.31
N TYR A 288 -2.47 15.02 8.94
CA TYR A 288 -1.52 13.99 9.33
C TYR A 288 -1.35 12.94 8.20
N HIS A 289 -0.97 11.71 8.56
CA HIS A 289 -0.63 10.70 7.56
C HIS A 289 -1.77 10.10 6.78
N VAL A 290 -2.79 9.62 7.47
CA VAL A 290 -3.84 8.84 6.80
C VAL A 290 -4.91 9.78 6.28
N LEU A 291 -4.65 10.38 5.12
CA LEU A 291 -5.53 11.39 4.55
C LEU A 291 -6.93 10.93 4.26
N HIS A 292 -7.10 9.65 3.87
CA HIS A 292 -8.43 9.13 3.57
C HIS A 292 -9.21 8.77 4.85
N LYS A 293 -8.60 8.99 6.03
CA LYS A 293 -9.25 8.74 7.33
C LYS A 293 -8.88 9.90 8.28
N GLU A 294 -8.88 11.13 7.75
CA GLU A 294 -8.50 12.31 8.50
C GLU A 294 -9.76 13.05 8.96
N LEU A 295 -9.67 14.32 9.28
CA LEU A 295 -10.86 15.10 9.66
C LEU A 295 -11.83 15.10 8.46
N PRO A 296 -13.18 15.06 8.68
CA PRO A 296 -14.12 14.98 7.54
C PRO A 296 -13.86 15.98 6.41
N GLU A 297 -13.44 17.22 6.70
CA GLU A 297 -13.16 18.22 5.66
C GLU A 297 -12.03 17.73 4.74
N VAL A 298 -10.99 17.09 5.32
CA VAL A 298 -9.89 16.53 4.55
C VAL A 298 -10.36 15.26 3.79
N THR A 299 -10.93 14.30 4.50
CA THR A 299 -11.38 13.05 3.91
C THR A 299 -12.36 13.28 2.77
N ASN A 300 -13.38 14.17 2.95
CA ASN A 300 -14.33 14.45 1.87
C ASN A 300 -13.64 15.02 0.63
N SER A 301 -12.65 15.89 0.84
CA SER A 301 -11.85 16.48 -0.25
C SER A 301 -11.01 15.39 -0.94
N VAL A 302 -10.34 14.53 -0.16
CA VAL A 302 -9.52 13.43 -0.69
C VAL A 302 -10.37 12.54 -1.61
N PHE A 303 -11.58 12.14 -1.16
CA PHE A 303 -12.46 11.27 -1.95
C PHE A 303 -12.90 12.01 -3.22
N HIS A 304 -13.33 13.28 -3.07
CA HIS A 304 -13.77 14.08 -4.22
C HIS A 304 -12.66 14.25 -5.25
N GLU A 305 -11.42 14.54 -4.80
CA GLU A 305 -10.29 14.74 -5.72
C GLU A 305 -9.92 13.48 -6.48
N ILE A 306 -9.93 12.33 -5.79
CA ILE A 306 -9.65 11.04 -6.44
C ILE A 306 -10.76 10.74 -7.44
N ASN A 307 -12.01 10.99 -7.03
CA ASN A 307 -13.18 10.80 -7.87
C ASN A 307 -13.02 11.63 -9.17
N MET A 308 -12.74 12.94 -9.04
CA MET A 308 -12.58 13.82 -10.22
C MET A 308 -11.40 13.36 -11.08
N TRP A 309 -10.27 13.02 -10.43
CA TRP A 309 -9.06 12.64 -11.17
C TRP A 309 -9.25 11.35 -12.00
N VAL A 310 -9.81 10.31 -11.38
CA VAL A 310 -10.07 9.04 -12.06
C VAL A 310 -11.18 9.20 -13.12
N SER A 311 -12.28 9.94 -12.80
CA SER A 311 -13.39 10.20 -13.74
C SER A 311 -12.87 10.88 -15.01
N GLN A 312 -11.96 11.87 -14.88
CA GLN A 312 -11.36 12.58 -16.01
C GLN A 312 -10.50 11.66 -16.88
N ARG A 313 -9.91 10.60 -16.30
CA ARG A 313 -9.00 9.71 -17.00
C ARG A 313 -9.61 8.34 -17.38
N THR A 314 -10.95 8.21 -17.24
CA THR A 314 -11.69 6.98 -17.57
C THR A 314 -12.92 7.31 -18.44
N ALA A 315 -13.15 8.60 -18.69
CA ALA A 315 -14.24 9.13 -19.51
C ALA A 315 -14.00 8.86 -20.99
#